data_8SMD
#
_entry.id   8SMD
#
_cell.length_a   95.969
_cell.length_b   95.969
_cell.length_c   95.969
_cell.angle_alpha   90.000
_cell.angle_beta   90.000
_cell.angle_gamma   90.000
#
_symmetry.space_group_name_H-M   'P 21 3'
#
loop_
_entity.id
_entity.type
_entity.pdbx_description
1 polymer 'ABC transporter ATPase'
2 non-polymer (2R,3R,3aS,5S,6R,7S,8R,11R,13S,15aR)-2-(6-amino-9H-purin-9-yl)-3,6,7,11,13-pentahydroxyoctahydro-2H,5H,11H,13H-5,8-epoxy-11lambda~5~,13lambda~5~-furo[2,3-g][1,3,5,9,2,4]tetraoxadiphosphacyclotetradecine-11,13-dione
3 water water
#
_entity_poly.entity_id   1
_entity_poly.type   'polypeptide(L)'
_entity_poly.pdbx_seq_one_letter_code
;SMKELSTIQKREKLNTVERIGSEGPGGAYHEYVIKSNSMDSQGNYDVYETIKFQKGARKEEKSQHGVIDSDLLEIVRDRL
KSFQAGPFSSRENACALTHVEEALMWMNRRVEDRIERNVLGTNTK
;
_entity_poly.pdbx_strand_id   A,B
#
# COMPACT_ATOMS: atom_id res chain seq x y z
N MET A 2 10.26 18.04 -7.40
CA MET A 2 9.07 18.16 -6.57
C MET A 2 8.87 16.89 -5.73
N LYS A 3 8.14 17.03 -4.62
CA LYS A 3 7.87 15.91 -3.73
C LYS A 3 6.73 15.03 -4.20
N GLU A 4 5.83 15.56 -5.02
CA GLU A 4 4.64 14.80 -5.43
C GLU A 4 5.00 13.68 -6.37
N LEU A 5 4.34 12.53 -6.18
CA LEU A 5 4.55 11.38 -7.04
C LEU A 5 3.80 11.55 -8.35
N SER A 6 4.45 11.21 -9.45
CA SER A 6 3.80 11.18 -10.76
C SER A 6 3.07 9.86 -10.87
N THR A 7 1.77 9.88 -10.55
CA THR A 7 0.99 8.66 -10.47
C THR A 7 0.50 8.23 -11.85
N ILE A 8 0.10 6.95 -11.94
CA ILE A 8 -0.46 6.44 -13.19
C ILE A 8 -1.83 7.05 -13.46
N GLN A 9 -2.65 7.19 -12.41
CA GLN A 9 -3.92 7.89 -12.56
C GLN A 9 -3.67 9.37 -12.75
N LYS A 10 -4.23 9.93 -13.82
CA LYS A 10 -4.04 11.34 -14.15
C LYS A 10 -5.25 12.21 -13.91
N ARG A 11 -6.46 11.63 -13.91
CA ARG A 11 -7.69 12.40 -13.86
C ARG A 11 -8.54 11.99 -12.67
N GLU A 12 -9.17 12.98 -12.03
CA GLU A 12 -10.10 12.76 -10.92
C GLU A 12 -9.44 12.02 -9.77
N LYS A 13 -8.19 12.39 -9.47
CA LYS A 13 -7.49 11.80 -8.34
C LYS A 13 -8.11 12.26 -7.03
N LEU A 14 -8.32 11.32 -6.11
CA LEU A 14 -8.88 11.66 -4.82
C LEU A 14 -7.85 12.30 -3.90
N ASN A 15 -6.62 11.79 -3.91
CA ASN A 15 -5.58 12.25 -3.00
C ASN A 15 -4.29 12.53 -3.76
N THR A 16 -3.36 13.17 -3.07
CA THR A 16 -2.02 13.42 -3.56
C THR A 16 -1.02 12.72 -2.65
N VAL A 17 -0.04 12.05 -3.26
CA VAL A 17 1.01 11.34 -2.52
C VAL A 17 2.33 12.07 -2.74
N GLU A 18 3.06 12.29 -1.65
CA GLU A 18 4.32 13.00 -1.68
C GLU A 18 5.40 12.19 -0.99
N ARG A 19 6.64 12.35 -1.47
CA ARG A 19 7.80 11.87 -0.73
C ARG A 19 8.17 12.88 0.35
N ILE A 20 8.62 12.38 1.49
CA ILE A 20 9.05 13.22 2.60
C ILE A 20 10.49 12.87 2.93
N GLY A 21 11.29 13.90 3.19
CA GLY A 21 12.69 13.68 3.52
C GLY A 21 13.55 13.53 2.28
N SER A 22 14.59 12.71 2.40
CA SER A 22 15.52 12.46 1.31
C SER A 22 15.76 10.96 1.18
N GLU A 23 16.61 10.59 0.23
CA GLU A 23 16.92 9.19 0.00
C GLU A 23 17.69 8.61 1.18
N GLY A 24 17.38 7.36 1.52
CA GLY A 24 18.04 6.69 2.62
C GLY A 24 18.71 5.40 2.19
N PRO A 25 18.62 4.37 3.04
CA PRO A 25 19.23 3.08 2.69
C PRO A 25 18.67 2.53 1.38
N GLY A 26 19.58 2.02 0.54
CA GLY A 26 19.21 1.51 -0.76
C GLY A 26 18.83 2.57 -1.78
N GLY A 27 18.90 3.85 -1.42
CA GLY A 27 18.53 4.91 -2.33
C GLY A 27 17.05 5.22 -2.40
N ALA A 28 16.26 4.74 -1.45
CA ALA A 28 14.82 4.94 -1.45
C ALA A 28 14.40 5.85 -0.32
N TYR A 29 13.29 6.55 -0.53
CA TYR A 29 12.67 7.33 0.53
C TYR A 29 11.91 6.41 1.48
N HIS A 30 11.84 6.80 2.74
CA HIS A 30 11.22 5.97 3.77
C HIS A 30 10.07 6.66 4.48
N GLU A 31 9.57 7.77 3.95
CA GLU A 31 8.44 8.48 4.56
C GLU A 31 7.61 9.09 3.45
N TYR A 32 6.31 8.76 3.43
CA TYR A 32 5.39 9.25 2.43
C TYR A 32 4.17 9.85 3.11
N VAL A 33 3.55 10.81 2.43
CA VAL A 33 2.36 11.49 2.92
C VAL A 33 1.24 11.31 1.90
N ILE A 34 0.07 10.93 2.38
CA ILE A 34 -1.15 10.86 1.58
C ILE A 34 -2.07 11.97 2.08
N LYS A 35 -2.32 12.97 1.24
CA LYS A 35 -3.19 14.08 1.60
C LYS A 35 -4.29 14.22 0.57
N SER A 36 -5.49 14.53 1.04
CA SER A 36 -6.63 14.69 0.16
C SER A 36 -6.53 15.99 -0.62
N ASN A 37 -7.15 16.01 -1.80
CA ASN A 37 -7.27 17.25 -2.57
C ASN A 37 -8.42 18.11 -2.08
N SER A 38 -9.22 17.62 -1.16
CA SER A 38 -10.33 18.38 -0.57
C SER A 38 -9.90 18.99 0.75
N MET A 39 -10.49 20.14 1.07
CA MET A 39 -10.19 20.86 2.30
C MET A 39 -11.46 20.98 3.14
N ASP A 40 -11.26 21.27 4.42
CA ASP A 40 -12.38 21.47 5.33
C ASP A 40 -12.94 22.89 5.15
N SER A 41 -13.82 23.30 6.06
CA SER A 41 -14.39 24.65 5.98
C SER A 41 -13.39 25.74 6.32
N GLN A 42 -12.22 25.39 6.86
CA GLN A 42 -11.20 26.36 7.22
C GLN A 42 -9.95 26.25 6.35
N GLY A 43 -9.99 25.46 5.29
CA GLY A 43 -8.89 25.40 4.34
C GLY A 43 -7.83 24.37 4.64
N ASN A 44 -8.01 23.51 5.64
CA ASN A 44 -7.05 22.49 5.99
C ASN A 44 -7.45 21.14 5.40
N TYR A 45 -6.45 20.27 5.24
CA TYR A 45 -6.68 18.99 4.57
C TYR A 45 -7.71 18.15 5.33
N ASP A 46 -8.61 17.52 4.57
CA ASP A 46 -9.51 16.54 5.17
C ASP A 46 -8.75 15.30 5.62
N VAL A 47 -7.73 14.92 4.87
CA VAL A 47 -6.89 13.76 5.20
C VAL A 47 -5.43 14.18 5.04
N TYR A 48 -4.62 13.87 6.05
CA TYR A 48 -3.17 14.11 5.98
C TYR A 48 -2.50 13.00 6.79
N GLU A 49 -2.20 11.90 6.12
CA GLU A 49 -1.62 10.72 6.76
C GLU A 49 -0.18 10.52 6.31
N THR A 50 0.63 9.99 7.23
CA THR A 50 2.05 9.74 6.99
C THR A 50 2.32 8.25 7.20
N ILE A 51 3.07 7.65 6.28
CA ILE A 51 3.44 6.24 6.34
C ILE A 51 4.95 6.16 6.50
N LYS A 52 5.40 5.54 7.59
CA LYS A 52 6.81 5.42 7.91
C LYS A 52 7.26 3.99 7.65
N PHE A 53 8.28 3.84 6.81
CA PHE A 53 8.80 2.52 6.46
C PHE A 53 9.96 2.13 7.36
N GLN A 54 10.19 0.81 7.45
CA GLN A 54 11.36 0.28 8.13
C GLN A 54 12.63 0.82 7.47
N LYS A 55 13.29 1.76 8.12
CA LYS A 55 14.53 2.36 7.60
C LYS A 55 15.71 1.66 8.27
N GLY A 56 16.47 0.90 7.48
CA GLY A 56 17.53 0.08 8.03
C GLY A 56 17.10 -1.37 8.13
N ALA A 57 17.93 -2.27 7.60
CA ALA A 57 17.59 -3.68 7.58
C ALA A 57 17.52 -4.24 9.00
N ARG A 58 17.01 -5.48 9.11
CA ARG A 58 16.77 -6.08 10.42
C ARG A 58 18.06 -6.18 11.24
N LYS A 59 19.07 -6.86 10.68
CA LYS A 59 20.28 -7.14 11.45
C LYS A 59 21.20 -5.95 11.61
N GLU A 60 21.12 -4.98 10.70
CA GLU A 60 21.96 -3.79 10.81
C GLU A 60 21.58 -2.98 12.04
N GLU A 61 22.57 -2.51 12.78
CA GLU A 61 22.33 -1.78 14.01
C GLU A 61 21.76 -0.40 13.72
N LYS A 62 21.16 0.20 14.76
CA LYS A 62 20.56 1.53 14.71
C LYS A 62 19.40 1.60 13.71
N SER A 63 18.82 0.46 13.34
CA SER A 63 17.69 0.46 12.44
C SER A 63 16.43 0.93 13.16
N GLN A 64 15.50 1.47 12.38
CA GLN A 64 14.26 2.01 12.90
C GLN A 64 13.09 1.17 12.41
N HIS A 65 12.22 0.78 13.34
CA HIS A 65 11.11 -0.10 13.02
C HIS A 65 10.00 0.66 12.29
N GLY A 66 9.44 0.02 11.28
CA GLY A 66 8.37 0.64 10.53
C GLY A 66 7.65 -0.40 9.69
N VAL A 67 6.71 0.09 8.87
CA VAL A 67 5.96 -0.81 8.00
C VAL A 67 6.85 -1.27 6.84
N ILE A 68 6.48 -2.40 6.25
CA ILE A 68 7.18 -2.94 5.10
C ILE A 68 6.24 -2.92 3.91
N ASP A 69 6.82 -2.96 2.71
CA ASP A 69 6.05 -2.74 1.49
C ASP A 69 5.01 -3.83 1.27
N SER A 70 5.34 -5.08 1.63
CA SER A 70 4.39 -6.17 1.44
C SER A 70 3.16 -6.01 2.32
N ASP A 71 3.29 -5.32 3.45
CA ASP A 71 2.12 -5.09 4.30
C ASP A 71 1.07 -4.24 3.58
N LEU A 72 1.52 -3.23 2.83
CA LEU A 72 0.56 -2.38 2.11
C LEU A 72 -0.14 -3.13 0.99
N LEU A 73 0.59 -4.03 0.31
CA LEU A 73 -0.03 -4.80 -0.76
C LEU A 73 -1.03 -5.82 -0.21
N GLU A 74 -0.76 -6.37 0.98
CA GLU A 74 -1.71 -7.31 1.57
C GLU A 74 -3.01 -6.61 1.93
N ILE A 75 -2.95 -5.36 2.36
CA ILE A 75 -4.16 -4.59 2.61
C ILE A 75 -4.93 -4.39 1.31
N VAL A 76 -4.22 -4.02 0.24
CA VAL A 76 -4.85 -3.83 -1.06
C VAL A 76 -5.40 -5.15 -1.59
N ARG A 77 -4.67 -6.24 -1.35
CA ARG A 77 -5.16 -7.56 -1.75
C ARG A 77 -6.48 -7.89 -1.07
N ASP A 78 -6.56 -7.64 0.25
CA ASP A 78 -7.77 -7.97 0.99
C ASP A 78 -8.94 -7.09 0.56
N ARG A 79 -8.67 -5.83 0.24
CA ARG A 79 -9.72 -4.92 -0.22
C ARG A 79 -10.29 -5.38 -1.56
N LEU A 80 -9.43 -5.77 -2.49
CA LEU A 80 -9.90 -6.22 -3.79
C LEU A 80 -10.68 -7.53 -3.69
N LYS A 81 -10.26 -8.42 -2.78
CA LYS A 81 -10.99 -9.66 -2.58
C LYS A 81 -12.38 -9.39 -2.03
N SER A 82 -12.51 -8.42 -1.12
CA SER A 82 -13.82 -8.09 -0.57
C SER A 82 -14.72 -7.48 -1.63
N PHE A 83 -14.18 -6.60 -2.48
CA PHE A 83 -14.98 -6.00 -3.53
C PHE A 83 -15.42 -7.02 -4.56
N GLN A 84 -14.57 -8.00 -4.86
CA GLN A 84 -14.94 -9.04 -5.82
C GLN A 84 -16.02 -9.96 -5.25
N ALA A 85 -16.06 -10.11 -3.93
CA ALA A 85 -17.10 -10.90 -3.29
C ALA A 85 -18.39 -10.13 -3.09
N GLY A 86 -18.39 -8.82 -3.31
CA GLY A 86 -19.55 -7.99 -3.12
C GLY A 86 -20.34 -7.77 -4.40
N PRO A 87 -21.28 -6.82 -4.36
CA PRO A 87 -22.13 -6.58 -5.54
C PRO A 87 -21.49 -5.72 -6.61
N PHE A 88 -20.36 -5.07 -6.32
CA PHE A 88 -19.72 -4.13 -7.23
C PHE A 88 -18.44 -4.69 -7.83
N SER A 89 -18.44 -5.99 -8.14
CA SER A 89 -17.28 -6.61 -8.76
C SER A 89 -17.10 -6.13 -10.19
N SER A 90 -15.91 -6.36 -10.73
CA SER A 90 -15.61 -5.96 -12.10
C SER A 90 -14.38 -6.72 -12.58
N ARG A 91 -14.26 -6.82 -13.91
CA ARG A 91 -13.08 -7.43 -14.50
C ARG A 91 -11.82 -6.64 -14.19
N GLU A 92 -11.93 -5.31 -14.09
CA GLU A 92 -10.79 -4.50 -13.71
C GLU A 92 -10.25 -4.88 -12.35
N ASN A 93 -11.15 -5.12 -11.38
CA ASN A 93 -10.72 -5.58 -10.07
C ASN A 93 -10.05 -6.94 -10.14
N ALA A 94 -10.56 -7.81 -11.03
CA ALA A 94 -10.00 -9.16 -11.13
C ALA A 94 -8.56 -9.13 -11.64
N CYS A 95 -8.28 -8.30 -12.65
CA CYS A 95 -6.92 -8.23 -13.18
C CYS A 95 -5.98 -7.54 -12.20
N ALA A 96 -6.46 -6.50 -11.52
CA ALA A 96 -5.62 -5.84 -10.53
C ALA A 96 -5.32 -6.75 -9.35
N LEU A 97 -6.29 -7.57 -8.94
CA LEU A 97 -6.07 -8.48 -7.82
C LEU A 97 -5.00 -9.50 -8.14
N THR A 98 -5.04 -10.08 -9.35
CA THR A 98 -4.05 -11.08 -9.73
C THR A 98 -2.65 -10.48 -9.75
N HIS A 99 -2.52 -9.25 -10.25
CA HIS A 99 -1.21 -8.61 -10.29
C HIS A 99 -0.70 -8.28 -8.89
N VAL A 100 -1.61 -7.85 -8.00
CA VAL A 100 -1.21 -7.57 -6.62
C VAL A 100 -0.71 -8.84 -5.95
N GLU A 101 -1.41 -9.96 -6.15
CA GLU A 101 -0.99 -11.21 -5.54
C GLU A 101 0.33 -11.70 -6.15
N GLU A 102 0.45 -11.63 -7.49
CA GLU A 102 1.70 -12.04 -8.13
C GLU A 102 2.85 -11.13 -7.74
N ALA A 103 2.58 -9.85 -7.50
CA ALA A 103 3.61 -8.97 -6.95
C ALA A 103 3.95 -9.37 -5.53
N LEU A 104 2.93 -9.71 -4.73
CA LEU A 104 3.18 -10.18 -3.37
C LEU A 104 3.99 -11.47 -3.36
N MET A 105 3.73 -12.35 -4.33
CA MET A 105 4.52 -13.56 -4.45
C MET A 105 5.98 -13.25 -4.75
N TRP A 106 6.22 -12.35 -5.71
CA TRP A 106 7.59 -12.02 -6.08
C TRP A 106 8.34 -11.34 -4.93
N MET A 107 7.64 -10.60 -4.08
CA MET A 107 8.29 -10.06 -2.89
C MET A 107 8.60 -11.16 -1.89
N ASN A 108 7.77 -12.19 -1.83
CA ASN A 108 8.08 -13.35 -0.98
C ASN A 108 9.24 -14.14 -1.56
N ARG A 109 9.33 -14.23 -2.89
CA ARG A 109 10.46 -14.90 -3.51
C ARG A 109 11.77 -14.20 -3.16
N ARG A 110 11.76 -12.87 -3.12
CA ARG A 110 12.96 -12.14 -2.71
C ARG A 110 13.29 -12.41 -1.25
N VAL A 111 12.26 -12.52 -0.40
CA VAL A 111 12.49 -12.80 1.01
C VAL A 111 13.12 -14.18 1.19
N GLU A 112 12.54 -15.20 0.54
CA GLU A 112 13.07 -16.55 0.66
C GLU A 112 14.46 -16.66 0.05
N ASP A 113 14.70 -15.96 -1.07
CA ASP A 113 16.03 -15.99 -1.69
C ASP A 113 17.08 -15.39 -0.76
N ARG A 114 16.71 -14.35 -0.02
CA ARG A 114 17.65 -13.76 0.94
C ARG A 114 17.83 -14.62 2.18
N ILE A 115 16.90 -15.54 2.45
CA ILE A 115 17.09 -16.49 3.53
C ILE A 115 18.03 -17.61 3.09
N GLU A 116 17.94 -18.02 1.82
CA GLU A 116 18.83 -19.06 1.30
C GLU A 116 20.28 -18.60 1.29
N ARG A 117 20.51 -17.34 0.92
CA ARG A 117 21.86 -16.79 0.84
C ARG A 117 22.34 -16.19 2.15
N ASN A 118 21.52 -16.28 3.21
CA ASN A 118 21.90 -15.81 4.54
C ASN A 118 22.22 -14.31 4.53
N VAL A 119 21.47 -13.56 3.73
CA VAL A 119 21.66 -12.11 3.61
C VAL A 119 20.43 -11.32 4.03
N LEU A 120 19.39 -11.98 4.54
CA LEU A 120 18.18 -11.27 4.95
C LEU A 120 18.49 -10.36 6.13
N GLY A 121 18.20 -9.08 5.98
CA GLY A 121 18.47 -8.11 7.02
C GLY A 121 19.84 -7.49 6.98
N THR A 122 20.54 -7.56 5.84
CA THR A 122 21.85 -6.96 5.70
C THR A 122 21.86 -6.05 4.48
N ASN A 123 22.84 -5.14 4.45
CA ASN A 123 23.00 -4.21 3.34
C ASN A 123 23.84 -4.83 2.22
N THR A 124 23.31 -5.92 1.67
CA THR A 124 23.94 -6.63 0.56
C THR A 124 22.95 -6.77 -0.58
N LYS A 125 23.45 -7.19 -1.73
CA LYS A 125 22.63 -7.32 -2.93
C LYS A 125 21.99 -8.70 -3.01
N LYS B 3 -9.36 -11.87 12.49
CA LYS B 3 -9.11 -10.49 12.08
C LYS B 3 -7.77 -10.36 11.36
N GLU B 4 -6.83 -11.23 11.69
CA GLU B 4 -5.51 -11.18 11.08
C GLU B 4 -5.56 -11.64 9.63
N LEU B 5 -4.85 -10.91 8.77
CA LEU B 5 -4.79 -11.26 7.36
C LEU B 5 -3.88 -12.45 7.12
N SER B 6 -4.32 -13.38 6.28
CA SER B 6 -3.49 -14.50 5.86
C SER B 6 -2.60 -14.04 4.71
N THR B 7 -1.33 -13.81 4.99
CA THR B 7 -0.42 -13.23 4.02
C THR B 7 0.29 -14.31 3.21
N ILE B 8 0.75 -13.93 2.02
CA ILE B 8 1.48 -14.86 1.16
C ILE B 8 2.83 -15.20 1.76
N GLN B 9 3.47 -14.23 2.40
CA GLN B 9 4.72 -14.48 3.13
C GLN B 9 4.38 -15.19 4.43
N LYS B 10 5.00 -16.36 4.65
CA LYS B 10 4.74 -17.15 5.85
C LYS B 10 5.88 -17.13 6.85
N ARG B 11 7.10 -16.85 6.42
CA ARG B 11 8.28 -16.95 7.28
C ARG B 11 8.96 -15.60 7.40
N GLU B 12 9.43 -15.30 8.62
CA GLU B 12 10.19 -14.08 8.91
C GLU B 12 9.38 -12.82 8.58
N LYS B 13 8.12 -12.83 8.95
CA LYS B 13 7.27 -11.66 8.75
C LYS B 13 7.67 -10.55 9.73
N LEU B 14 7.92 -9.36 9.19
CA LEU B 14 8.24 -8.22 10.05
C LEU B 14 7.02 -7.79 10.85
N ASN B 15 5.91 -7.52 10.18
CA ASN B 15 4.70 -7.02 10.82
C ASN B 15 3.54 -7.97 10.56
N THR B 16 2.45 -7.75 11.29
CA THR B 16 1.20 -8.48 11.13
C THR B 16 0.10 -7.49 10.80
N VAL B 17 -0.71 -7.82 9.80
CA VAL B 17 -1.81 -6.95 9.36
C VAL B 17 -3.12 -7.57 9.82
N GLU B 18 -4.04 -6.71 10.28
CA GLU B 18 -5.35 -7.14 10.73
C GLU B 18 -6.38 -6.10 10.35
N ARG B 19 -7.58 -6.57 10.04
CA ARG B 19 -8.69 -5.69 9.66
C ARG B 19 -9.49 -5.31 10.91
N ILE B 20 -9.92 -4.05 10.96
CA ILE B 20 -10.59 -3.49 12.13
C ILE B 20 -12.02 -3.14 11.75
N GLY B 21 -12.96 -3.45 12.64
CA GLY B 21 -14.35 -3.13 12.42
C GLY B 21 -15.10 -4.20 11.66
N SER B 22 -16.05 -3.77 10.81
CA SER B 22 -16.88 -4.69 10.04
C SER B 22 -16.87 -4.25 8.58
N GLU B 23 -17.50 -5.07 7.74
CA GLU B 23 -17.61 -4.75 6.32
C GLU B 23 -18.48 -3.51 6.13
N GLY B 24 -18.06 -2.66 5.20
CA GLY B 24 -18.78 -1.43 4.91
C GLY B 24 -19.35 -1.40 3.51
N PRO B 25 -19.29 -0.24 2.87
CA PRO B 25 -19.80 -0.12 1.49
C PRO B 25 -19.09 -1.09 0.56
N GLY B 26 -19.86 -1.77 -0.27
CA GLY B 26 -19.31 -2.76 -1.18
C GLY B 26 -18.88 -4.05 -0.53
N GLY B 27 -19.12 -4.22 0.78
CA GLY B 27 -18.72 -5.42 1.47
C GLY B 27 -17.26 -5.49 1.82
N ALA B 28 -16.59 -4.36 1.97
CA ALA B 28 -15.17 -4.31 2.26
C ALA B 28 -14.92 -3.64 3.61
N TYR B 29 -13.75 -3.96 4.17
CA TYR B 29 -13.30 -3.32 5.41
C TYR B 29 -12.57 -2.04 5.08
N HIS B 30 -12.73 -1.04 5.94
CA HIS B 30 -12.19 0.30 5.68
C HIS B 30 -11.18 0.74 6.73
N GLU B 31 -10.73 -0.16 7.61
CA GLU B 31 -9.72 0.19 8.59
C GLU B 31 -8.83 -1.02 8.84
N TYR B 32 -7.52 -0.83 8.71
CA TYR B 32 -6.55 -1.88 8.92
C TYR B 32 -5.47 -1.38 9.87
N VAL B 33 -4.81 -2.33 10.54
CA VAL B 33 -3.74 -2.01 11.49
C VAL B 33 -2.52 -2.84 11.14
N ILE B 34 -1.39 -2.18 10.99
CA ILE B 34 -0.10 -2.83 10.79
C ILE B 34 0.63 -2.84 12.13
N LYS B 35 0.87 -4.03 12.67
CA LYS B 35 1.54 -4.18 13.97
C LYS B 35 2.73 -5.11 13.80
N SER B 36 3.87 -4.72 14.34
CA SER B 36 5.09 -5.50 14.19
C SER B 36 5.06 -6.74 15.06
N ASN B 37 5.70 -7.80 14.57
CA ASN B 37 5.88 -8.99 15.39
C ASN B 37 6.91 -8.78 16.49
N SER B 38 7.77 -7.78 16.35
CA SER B 38 8.77 -7.49 17.36
C SER B 38 8.14 -6.76 18.54
N MET B 39 8.75 -6.92 19.72
CA MET B 39 8.26 -6.30 20.93
C MET B 39 9.45 -5.71 21.68
N ASP B 40 9.15 -4.75 22.57
CA ASP B 40 10.17 -4.15 23.42
C ASP B 40 10.40 -5.08 24.62
N SER B 41 11.07 -4.56 25.65
CA SER B 41 11.40 -5.39 26.80
C SER B 41 10.17 -5.74 27.62
N GLN B 42 9.12 -4.92 27.56
CA GLN B 42 7.90 -5.15 28.32
C GLN B 42 6.78 -5.78 27.49
N GLY B 43 7.02 -6.05 26.21
CA GLY B 43 6.02 -6.70 25.38
C GLY B 43 5.14 -5.79 24.56
N ASN B 44 5.57 -4.56 24.31
CA ASN B 44 4.79 -3.63 23.51
C ASN B 44 5.21 -3.70 22.04
N TYR B 45 4.24 -3.53 21.15
CA TYR B 45 4.50 -3.57 19.72
C TYR B 45 5.32 -2.36 19.31
N ASP B 46 6.42 -2.61 18.58
CA ASP B 46 7.27 -1.52 18.12
C ASP B 46 6.55 -0.66 17.09
N VAL B 47 5.89 -1.29 16.13
CA VAL B 47 5.16 -0.59 15.08
C VAL B 47 3.67 -0.81 15.31
N TYR B 48 2.88 0.25 15.13
CA TYR B 48 1.43 0.16 15.27
C TYR B 48 0.83 1.36 14.53
N GLU B 49 0.75 1.25 13.21
CA GLU B 49 0.15 2.24 12.35
C GLU B 49 -1.28 1.85 12.00
N THR B 50 -2.07 2.85 11.60
CA THR B 50 -3.47 2.65 11.26
C THR B 50 -3.76 3.32 9.93
N ILE B 51 -4.49 2.62 9.05
CA ILE B 51 -4.84 3.12 7.73
C ILE B 51 -6.36 3.03 7.58
N LYS B 52 -7.00 4.19 7.44
CA LYS B 52 -8.44 4.27 7.23
C LYS B 52 -8.72 4.67 5.79
N PHE B 53 -9.64 3.97 5.15
CA PHE B 53 -9.96 4.20 3.75
C PHE B 53 -11.14 5.15 3.59
N GLN B 54 -11.29 5.67 2.38
CA GLN B 54 -12.46 6.45 2.01
C GLN B 54 -13.71 5.59 2.16
N LYS B 55 -14.48 5.82 3.22
CA LYS B 55 -15.67 5.03 3.51
C LYS B 55 -16.87 5.72 2.87
N GLY B 56 -17.37 5.13 1.79
CA GLY B 56 -18.45 5.74 1.03
C GLY B 56 -17.91 6.52 -0.15
N ALA B 57 -18.64 6.47 -1.27
CA ALA B 57 -18.19 7.15 -2.48
C ALA B 57 -18.11 8.66 -2.28
N ARG B 58 -17.20 9.29 -3.00
CA ARG B 58 -16.83 10.67 -2.70
C ARG B 58 -17.98 11.65 -2.91
N LYS B 59 -18.90 11.34 -3.82
CA LYS B 59 -20.01 12.24 -4.10
C LYS B 59 -21.27 11.90 -3.32
N GLU B 60 -21.30 10.76 -2.65
CA GLU B 60 -22.42 10.41 -1.79
C GLU B 60 -22.34 11.17 -0.47
N GLU B 61 -23.50 11.45 0.11
CA GLU B 61 -23.54 12.12 1.40
C GLU B 61 -23.03 11.18 2.50
N LYS B 62 -22.73 11.78 3.65
CA LYS B 62 -22.19 11.19 4.87
C LYS B 62 -20.89 10.41 4.67
N SER B 63 -20.34 10.36 3.47
CA SER B 63 -19.09 9.62 3.26
C SER B 63 -17.96 10.24 4.06
N GLN B 64 -17.07 9.38 4.56
CA GLN B 64 -15.93 9.80 5.36
C GLN B 64 -14.68 9.82 4.50
N HIS B 65 -13.91 10.90 4.59
CA HIS B 65 -12.71 11.03 3.79
C HIS B 65 -11.62 10.08 4.28
N GLY B 66 -10.90 9.50 3.32
CA GLY B 66 -9.81 8.59 3.65
C GLY B 66 -8.97 8.33 2.42
N VAL B 67 -7.98 7.46 2.59
CA VAL B 67 -7.10 7.07 1.50
C VAL B 67 -7.79 6.02 0.65
N ILE B 68 -7.23 5.72 -0.52
CA ILE B 68 -7.72 4.65 -1.37
C ILE B 68 -6.53 3.78 -1.80
N ASP B 69 -6.86 2.65 -2.43
CA ASP B 69 -5.88 1.59 -2.64
C ASP B 69 -4.79 2.01 -3.63
N SER B 70 -5.13 2.80 -4.63
CA SER B 70 -4.14 3.22 -5.61
C SER B 70 -3.04 4.06 -4.96
N ASP B 71 -3.37 4.79 -3.88
CA ASP B 71 -2.35 5.55 -3.17
C ASP B 71 -1.29 4.63 -2.58
N LEU B 72 -1.71 3.51 -1.99
CA LEU B 72 -0.75 2.59 -1.38
C LEU B 72 0.14 1.95 -2.42
N LEU B 73 -0.41 1.59 -3.57
CA LEU B 73 0.40 0.97 -4.62
C LEU B 73 1.40 1.97 -5.20
N GLU B 74 1.00 3.24 -5.34
CA GLU B 74 1.91 4.25 -5.84
C GLU B 74 3.10 4.45 -4.92
N ILE B 75 2.90 4.30 -3.61
CA ILE B 75 4.01 4.36 -2.67
C ILE B 75 4.96 3.19 -2.89
N VAL B 76 4.39 1.97 -2.98
CA VAL B 76 5.21 0.79 -3.21
C VAL B 76 5.87 0.86 -4.59
N ARG B 77 5.15 1.41 -5.58
CA ARG B 77 5.73 1.59 -6.91
C ARG B 77 6.96 2.48 -6.85
N ASP B 78 6.87 3.59 -6.11
CA ASP B 78 8.01 4.50 -6.02
C ASP B 78 9.15 3.89 -5.22
N ARG B 79 8.83 3.06 -4.23
CA ARG B 79 9.89 2.39 -3.46
C ARG B 79 10.67 1.42 -4.32
N LEU B 80 9.97 0.60 -5.11
CA LEU B 80 10.63 -0.38 -5.95
C LEU B 80 11.45 0.28 -7.05
N LYS B 81 10.96 1.40 -7.58
CA LYS B 81 11.73 2.13 -8.60
C LYS B 81 13.03 2.66 -8.02
N SER B 82 12.99 3.18 -6.78
CA SER B 82 14.21 3.69 -6.16
C SER B 82 15.19 2.56 -5.84
N PHE B 83 14.68 1.44 -5.34
CA PHE B 83 15.55 0.30 -5.04
C PHE B 83 16.20 -0.23 -6.31
N GLN B 84 15.45 -0.31 -7.41
CA GLN B 84 16.01 -0.80 -8.66
C GLN B 84 17.06 0.15 -9.22
N ALA B 85 16.95 1.44 -8.92
CA ALA B 85 17.94 2.42 -9.31
C ALA B 85 19.10 2.51 -8.32
N GLY B 86 19.07 1.73 -7.25
CA GLY B 86 20.12 1.75 -6.26
C GLY B 86 21.05 0.56 -6.37
N PRO B 87 21.92 0.38 -5.38
CA PRO B 87 22.90 -0.71 -5.44
C PRO B 87 22.33 -2.08 -5.13
N PHE B 88 21.11 -2.16 -4.60
CA PHE B 88 20.51 -3.43 -4.18
C PHE B 88 19.37 -3.84 -5.12
N SER B 89 19.57 -3.69 -6.41
CA SER B 89 18.58 -4.13 -7.38
C SER B 89 18.59 -5.65 -7.50
N SER B 90 17.45 -6.19 -7.94
CA SER B 90 17.32 -7.64 -8.07
C SER B 90 16.24 -7.95 -9.10
N ARG B 91 16.28 -9.19 -9.60
CA ARG B 91 15.29 -9.63 -10.57
C ARG B 91 13.90 -9.71 -9.93
N GLU B 92 13.84 -10.09 -8.65
CA GLU B 92 12.54 -10.20 -7.97
C GLU B 92 11.86 -8.84 -7.85
N ASN B 93 12.63 -7.78 -7.59
CA ASN B 93 12.05 -6.45 -7.55
C ASN B 93 11.53 -6.04 -8.93
N ALA B 94 12.25 -6.42 -9.99
CA ALA B 94 11.82 -6.07 -11.34
C ALA B 94 10.48 -6.71 -11.68
N CYS B 95 10.29 -7.97 -11.29
CA CYS B 95 9.01 -8.64 -11.54
C CYS B 95 7.92 -8.07 -10.64
N ALA B 96 8.25 -7.77 -9.38
CA ALA B 96 7.26 -7.21 -8.48
C ALA B 96 6.84 -5.81 -8.93
N LEU B 97 7.80 -4.99 -9.36
CA LEU B 97 7.47 -3.64 -9.82
C LEU B 97 6.57 -3.66 -11.03
N THR B 98 6.83 -4.57 -11.98
CA THR B 98 5.99 -4.66 -13.17
C THR B 98 4.55 -5.03 -12.81
N HIS B 99 4.38 -5.97 -11.87
CA HIS B 99 3.04 -6.37 -11.47
C HIS B 99 2.33 -5.26 -10.70
N VAL B 100 3.07 -4.53 -9.86
CA VAL B 100 2.47 -3.41 -9.13
C VAL B 100 2.01 -2.33 -10.10
N GLU B 101 2.87 -1.98 -11.05
CA GLU B 101 2.50 -0.96 -12.04
C GLU B 101 1.33 -1.43 -12.89
N GLU B 102 1.38 -2.68 -13.36
CA GLU B 102 0.28 -3.21 -14.16
C GLU B 102 -1.02 -3.27 -13.36
N ALA B 103 -0.93 -3.55 -12.06
CA ALA B 103 -2.11 -3.47 -11.20
C ALA B 103 -2.65 -2.06 -11.13
N LEU B 104 -1.75 -1.08 -11.02
CA LEU B 104 -2.18 0.32 -10.99
C LEU B 104 -2.86 0.73 -12.29
N MET B 105 -2.38 0.21 -13.42
CA MET B 105 -3.00 0.56 -14.70
C MET B 105 -4.39 -0.03 -14.83
N TRP B 106 -4.65 -1.17 -14.19
CA TRP B 106 -5.99 -1.73 -14.22
C TRP B 106 -6.91 -0.98 -13.27
N MET B 107 -6.38 -0.51 -12.14
CA MET B 107 -7.17 0.35 -11.25
C MET B 107 -7.53 1.65 -11.95
N ASN B 108 -6.59 2.21 -12.72
CA ASN B 108 -6.90 3.41 -13.50
C ASN B 108 -7.85 3.08 -14.64
N ARG B 109 -7.75 1.87 -15.21
CA ARG B 109 -8.73 1.43 -16.20
C ARG B 109 -10.13 1.41 -15.62
N ARG B 110 -10.25 1.05 -14.34
CA ARG B 110 -11.56 1.09 -13.68
C ARG B 110 -12.03 2.52 -13.47
N VAL B 111 -11.10 3.42 -13.10
CA VAL B 111 -11.47 4.82 -12.89
C VAL B 111 -11.94 5.44 -14.19
N GLU B 112 -11.20 5.22 -15.27
CA GLU B 112 -11.59 5.78 -16.57
C GLU B 112 -12.90 5.19 -17.07
N ASP B 113 -13.16 3.90 -16.77
CA ASP B 113 -14.43 3.31 -17.16
C ASP B 113 -15.59 3.97 -16.44
N ARG B 114 -15.44 4.23 -15.14
CA ARG B 114 -16.50 4.89 -14.38
C ARG B 114 -16.65 6.36 -14.77
N ILE B 115 -15.61 6.97 -15.33
CA ILE B 115 -15.73 8.34 -15.82
C ILE B 115 -16.59 8.38 -17.07
N GLU B 116 -16.33 7.48 -18.02
CA GLU B 116 -17.11 7.43 -19.25
C GLU B 116 -18.56 7.11 -18.97
N ARG B 117 -18.82 6.17 -18.05
CA ARG B 117 -20.17 5.79 -17.67
C ARG B 117 -20.79 6.75 -16.66
N ASN B 118 -20.05 7.78 -16.23
CA ASN B 118 -20.58 8.85 -15.39
C ASN B 118 -21.07 8.32 -14.04
N VAL B 119 -20.33 7.37 -13.46
CA VAL B 119 -20.68 6.77 -12.19
C VAL B 119 -19.57 6.88 -11.16
N LEU B 120 -18.46 7.54 -11.49
CA LEU B 120 -17.36 7.66 -10.55
C LEU B 120 -17.80 8.46 -9.33
N GLY B 121 -17.42 7.99 -8.14
CA GLY B 121 -17.82 8.66 -6.93
C GLY B 121 -19.25 8.42 -6.50
N THR B 122 -19.89 7.37 -7.01
CA THR B 122 -21.24 7.02 -6.62
C THR B 122 -21.28 5.55 -6.21
N ASN B 123 -22.17 5.24 -5.27
CA ASN B 123 -22.32 3.88 -4.76
C ASN B 123 -23.14 3.01 -5.70
N THR B 124 -22.66 2.91 -6.94
CA THR B 124 -23.30 2.08 -7.95
C THR B 124 -22.35 0.98 -8.41
N LYS B 125 -22.64 0.36 -9.54
CA LYS B 125 -21.74 -0.66 -10.10
C LYS B 125 -21.24 -0.22 -11.48
#